data_8AIY
#
_entry.id   8AIY
#
_cell.length_a   71.909
_cell.length_b   76.495
_cell.length_c   184.306
_cell.angle_alpha   90.000
_cell.angle_beta   90.000
_cell.angle_gamma   90.000
#
_symmetry.space_group_name_H-M   'C 2 2 21'
#
loop_
_entity.id
_entity.type
_entity.pdbx_description
1 polymer 'Fucose-binding lectin PA-IIL'
2 non-polymer 'CALCIUM ION'
3 non-polymer N-(beta-L-Fucopyranosyl)-biphenyl-3-carboxamide
4 non-polymer 'SULFATE ION'
5 water water
#
_entity_poly.entity_id   1
_entity_poly.type   'polypeptide(L)'
_entity_poly.pdbx_seq_one_letter_code
;ATQGVFTLPANTRFGVTAFANSSGTQTVNVLVNNETAATFSGQSTNNAVIGTQVLNSGSSGKVQVQVSVNGRPSDLVSAQ
VILTNELNFALVGSEDGTDNDYNDAVVVINWPLG
;
_entity_poly.pdbx_strand_id   AAA,BBB,CCC,DDD
#
# COMPACT_ATOMS: atom_id res chain seq x y z
N ALA A 1 13.02 -6.74 -10.16
CA ALA A 1 12.87 -7.28 -8.78
C ALA A 1 11.91 -8.47 -8.82
N THR A 2 12.15 -9.44 -7.95
CA THR A 2 11.21 -10.57 -7.79
C THR A 2 9.84 -10.02 -7.42
N GLN A 3 8.81 -10.62 -7.98
CA GLN A 3 7.42 -10.23 -7.65
C GLN A 3 6.60 -11.50 -7.45
N GLY A 4 5.55 -11.38 -6.66
CA GLY A 4 4.62 -12.50 -6.41
C GLY A 4 5.08 -13.41 -5.30
N VAL A 5 6.08 -13.02 -4.52
CA VAL A 5 6.59 -13.79 -3.38
C VAL A 5 6.32 -13.01 -2.11
N PHE A 6 5.78 -13.70 -1.11
CA PHE A 6 5.39 -13.05 0.15
C PHE A 6 5.76 -13.92 1.33
N THR A 7 6.24 -13.31 2.37
CA THR A 7 6.48 -13.95 3.67
C THR A 7 5.29 -13.73 4.59
N LEU A 8 4.54 -14.81 4.86
CA LEU A 8 3.43 -14.77 5.86
C LEU A 8 3.99 -15.23 7.18
N PRO A 9 3.27 -14.94 8.27
CA PRO A 9 3.59 -15.59 9.53
C PRO A 9 3.43 -17.10 9.32
N ALA A 10 4.25 -17.87 10.01
CA ALA A 10 4.23 -19.35 9.88
C ALA A 10 2.89 -19.93 10.38
N ASN A 11 2.48 -21.01 9.77
CA ASN A 11 1.36 -21.85 10.26
C ASN A 11 0.09 -21.04 10.39
N THR A 12 -0.16 -20.19 9.41
CA THR A 12 -1.27 -19.22 9.46
C THR A 12 -2.17 -19.47 8.26
N ARG A 13 -3.48 -19.56 8.51
CA ARG A 13 -4.41 -19.69 7.40
C ARG A 13 -4.47 -18.37 6.62
N PHE A 14 -4.59 -18.46 5.33
CA PHE A 14 -4.81 -17.29 4.46
C PHE A 14 -5.75 -17.66 3.33
N GLY A 15 -6.39 -16.66 2.78
CA GLY A 15 -7.25 -16.79 1.61
C GLY A 15 -6.50 -16.42 0.37
N VAL A 16 -6.75 -17.13 -0.72
CA VAL A 16 -6.21 -16.73 -2.03
C VAL A 16 -7.36 -16.78 -3.01
N THR A 17 -7.52 -15.74 -3.79
CA THR A 17 -8.62 -15.56 -4.72
C THR A 17 -8.04 -15.04 -6.04
N ALA A 18 -8.43 -15.62 -7.16
CA ALA A 18 -7.95 -15.18 -8.47
C ALA A 18 -9.10 -14.74 -9.35
N PHE A 19 -8.85 -13.71 -10.10
CA PHE A 19 -9.76 -13.07 -11.05
C PHE A 19 -9.13 -13.12 -12.43
N ALA A 20 -9.93 -13.19 -13.50
CA ALA A 20 -9.40 -13.19 -14.87
C ALA A 20 -9.98 -12.05 -15.67
N ASN A 21 -9.11 -11.43 -16.48
CA ASN A 21 -9.47 -10.31 -17.37
C ASN A 21 -8.64 -10.39 -18.64
N SER A 22 -8.86 -11.40 -19.47
CA SER A 22 -8.06 -11.63 -20.68
C SER A 22 -8.85 -12.53 -21.61
N SER A 23 -8.54 -12.43 -22.92
CA SER A 23 -9.06 -13.39 -23.91
C SER A 23 -8.43 -14.78 -23.67
N GLY A 24 -7.30 -14.88 -23.03
CA GLY A 24 -6.66 -16.15 -22.77
C GLY A 24 -7.06 -16.78 -21.46
N THR A 25 -7.19 -18.08 -21.44
CA THR A 25 -7.34 -18.86 -20.19
C THR A 25 -6.13 -18.65 -19.30
N GLN A 26 -6.38 -18.24 -18.04
CA GLN A 26 -5.30 -18.06 -17.05
C GLN A 26 -5.14 -19.30 -16.22
N THR A 27 -3.93 -19.69 -15.91
CA THR A 27 -3.60 -20.76 -14.97
C THR A 27 -2.81 -20.15 -13.84
N VAL A 28 -3.36 -20.16 -12.64
CA VAL A 28 -2.71 -19.61 -11.44
C VAL A 28 -2.27 -20.76 -10.58
N ASN A 29 -1.02 -20.76 -10.21
CA ASN A 29 -0.49 -21.70 -9.24
C ASN A 29 -0.15 -20.92 -7.98
N VAL A 30 -0.56 -21.45 -6.84
CA VAL A 30 -0.23 -20.85 -5.52
C VAL A 30 0.68 -21.80 -4.82
N LEU A 31 1.91 -21.38 -4.57
CA LEU A 31 2.94 -22.25 -3.97
C LEU A 31 3.10 -21.92 -2.50
N VAL A 32 3.23 -22.94 -1.67
CA VAL A 32 3.57 -22.78 -0.25
C VAL A 32 4.87 -23.54 -0.03
N ASN A 33 5.88 -22.87 0.46
CA ASN A 33 7.23 -23.49 0.63
C ASN A 33 7.68 -24.06 -0.71
N ASN A 34 7.50 -23.30 -1.78
CA ASN A 34 7.97 -23.60 -3.16
C ASN A 34 7.16 -24.71 -3.82
N GLU A 35 6.13 -25.28 -3.18
CA GLU A 35 5.36 -26.40 -3.77
C GLU A 35 3.91 -26.01 -4.00
N THR A 36 3.40 -26.29 -5.18
CA THR A 36 2.02 -25.86 -5.54
C THR A 36 1.03 -26.47 -4.56
N ALA A 37 0.17 -25.63 -3.98
CA ALA A 37 -0.87 -26.00 -3.00
C ALA A 37 -2.27 -25.76 -3.57
N ALA A 38 -2.40 -24.91 -4.59
CA ALA A 38 -3.70 -24.62 -5.23
C ALA A 38 -3.42 -24.27 -6.68
N THR A 39 -4.33 -24.66 -7.55
CA THR A 39 -4.28 -24.29 -8.96
C THR A 39 -5.67 -23.84 -9.36
N PHE A 40 -5.76 -22.70 -9.99
CA PHE A 40 -7.03 -22.19 -10.52
C PHE A 40 -6.86 -21.95 -12.00
N SER A 41 -7.81 -22.38 -12.81
N SER A 41 -7.80 -22.39 -12.82
CA SER A 41 -7.77 -22.05 -14.24
CA SER A 41 -7.77 -22.08 -14.26
C SER A 41 -9.13 -21.59 -14.71
C SER A 41 -9.13 -21.59 -14.71
N GLY A 42 -9.18 -20.57 -15.52
CA GLY A 42 -10.41 -20.06 -16.06
C GLY A 42 -10.20 -18.97 -17.05
N GLN A 43 -11.23 -18.59 -17.73
CA GLN A 43 -11.17 -17.54 -18.75
C GLN A 43 -12.32 -16.59 -18.54
N SER A 44 -11.99 -15.31 -18.44
CA SER A 44 -12.97 -14.24 -18.33
C SER A 44 -12.36 -12.95 -18.87
N THR A 45 -13.18 -12.09 -19.45
CA THR A 45 -12.84 -10.68 -19.69
C THR A 45 -13.65 -9.78 -18.75
N ASN A 46 -14.27 -10.35 -17.72
CA ASN A 46 -15.20 -9.60 -16.87
C ASN A 46 -14.92 -9.87 -15.39
N ASN A 47 -13.67 -10.13 -15.06
CA ASN A 47 -13.22 -10.21 -13.65
C ASN A 47 -13.86 -11.39 -12.92
N ALA A 48 -14.22 -12.46 -13.62
CA ALA A 48 -14.79 -13.61 -12.91
C ALA A 48 -13.79 -14.14 -11.94
N VAL A 49 -14.26 -14.59 -10.79
CA VAL A 49 -13.44 -15.35 -9.85
C VAL A 49 -13.21 -16.72 -10.45
N ILE A 50 -11.99 -16.99 -10.82
CA ILE A 50 -11.65 -18.31 -11.42
C ILE A 50 -11.33 -19.30 -10.33
N GLY A 51 -11.08 -18.86 -9.09
CA GLY A 51 -10.87 -19.77 -7.98
C GLY A 51 -10.70 -18.99 -6.68
N THR A 52 -10.96 -19.68 -5.56
CA THR A 52 -10.72 -19.14 -4.24
C THR A 52 -10.50 -20.34 -3.34
N GLN A 53 -9.62 -20.21 -2.38
CA GLN A 53 -9.27 -21.31 -1.48
C GLN A 53 -8.71 -20.76 -0.21
N VAL A 54 -8.80 -21.53 0.87
CA VAL A 54 -8.07 -21.26 2.12
C VAL A 54 -6.90 -22.22 2.19
N LEU A 55 -5.72 -21.68 2.43
CA LEU A 55 -4.50 -22.47 2.57
C LEU A 55 -3.83 -22.14 3.91
N ASN A 56 -2.82 -22.93 4.23
CA ASN A 56 -2.02 -22.68 5.45
C ASN A 56 -0.59 -22.35 5.03
N SER A 57 -0.01 -21.31 5.60
CA SER A 57 1.34 -20.84 5.20
C SER A 57 2.42 -21.85 5.59
N GLY A 58 2.09 -22.78 6.47
CA GLY A 58 3.03 -23.84 6.91
C GLY A 58 4.27 -23.30 7.60
N SER A 59 5.27 -24.16 7.78
CA SER A 59 6.42 -23.84 8.64
C SER A 59 7.25 -22.65 8.11
N SER A 60 7.32 -22.45 6.78
CA SER A 60 8.21 -21.43 6.17
C SER A 60 7.51 -20.08 6.10
N GLY A 61 6.19 -20.10 5.98
CA GLY A 61 5.45 -18.86 5.67
C GLY A 61 5.68 -18.40 4.25
N LYS A 62 6.42 -19.11 3.41
CA LYS A 62 6.69 -18.61 2.05
C LYS A 62 5.54 -18.92 1.11
N VAL A 63 4.96 -17.88 0.52
CA VAL A 63 3.85 -18.04 -0.45
C VAL A 63 4.25 -17.40 -1.76
N GLN A 64 4.09 -18.12 -2.86
CA GLN A 64 4.40 -17.56 -4.19
C GLN A 64 3.25 -17.77 -5.14
N VAL A 65 2.96 -16.78 -5.93
CA VAL A 65 1.95 -16.84 -7.01
C VAL A 65 2.67 -16.90 -8.35
N GLN A 66 2.26 -17.81 -9.19
CA GLN A 66 2.73 -17.92 -10.60
C GLN A 66 1.53 -17.94 -11.51
N VAL A 67 1.59 -17.27 -12.65
CA VAL A 67 0.50 -17.23 -13.63
C VAL A 67 1.08 -17.65 -14.97
N SER A 68 0.38 -18.52 -15.68
CA SER A 68 0.74 -18.89 -17.06
C SER A 68 -0.48 -18.81 -17.95
N VAL A 69 -0.23 -18.53 -19.23
CA VAL A 69 -1.27 -18.40 -20.27
C VAL A 69 -0.71 -19.10 -21.50
N ASN A 70 -1.46 -20.05 -22.04
CA ASN A 70 -0.96 -20.80 -23.24
C ASN A 70 0.41 -21.38 -22.96
N GLY A 71 0.66 -21.84 -21.74
CA GLY A 71 1.88 -22.52 -21.33
C GLY A 71 3.05 -21.59 -21.02
N ARG A 72 2.85 -20.28 -21.05
CA ARG A 72 3.95 -19.30 -20.92
C ARG A 72 3.75 -18.47 -19.66
N PRO A 73 4.83 -18.23 -18.88
CA PRO A 73 4.71 -17.43 -17.69
C PRO A 73 4.36 -15.98 -18.01
N SER A 74 3.42 -15.42 -17.25
CA SER A 74 3.06 -14.00 -17.32
C SER A 74 4.05 -13.19 -16.46
N ASP A 75 4.21 -11.94 -16.78
CA ASP A 75 5.05 -11.01 -15.98
C ASP A 75 4.19 -10.54 -14.80
N LEU A 76 4.80 -10.52 -13.62
CA LEU A 76 4.06 -10.19 -12.39
C LEU A 76 4.42 -8.81 -11.85
N VAL A 77 3.44 -8.25 -11.15
CA VAL A 77 3.66 -7.07 -10.29
C VAL A 77 3.00 -7.39 -8.97
N SER A 78 3.55 -6.92 -7.87
CA SER A 78 3.00 -7.29 -6.55
C SER A 78 3.36 -6.26 -5.49
N ALA A 79 2.62 -6.32 -4.40
CA ALA A 79 2.99 -5.60 -3.16
C ALA A 79 2.20 -6.19 -2.00
N GLN A 80 2.55 -5.84 -0.79
CA GLN A 80 1.79 -6.20 0.42
C GLN A 80 1.42 -4.89 1.10
N VAL A 81 0.20 -4.82 1.58
CA VAL A 81 -0.28 -3.68 2.39
C VAL A 81 -0.81 -4.21 3.70
N ILE A 82 -0.56 -3.50 4.79
CA ILE A 82 -1.09 -3.83 6.13
C ILE A 82 -1.87 -2.64 6.65
N LEU A 83 -3.11 -2.89 7.02
CA LEU A 83 -4.02 -1.87 7.59
C LEU A 83 -4.16 -2.10 9.09
N THR A 84 -4.13 -0.99 9.84
CA THR A 84 -4.23 -0.93 11.30
C THR A 84 -3.33 -1.98 11.96
N ASN A 85 -2.16 -2.23 11.36
CA ASN A 85 -1.15 -3.16 11.89
C ASN A 85 -1.69 -4.58 12.12
N GLU A 86 -2.79 -4.95 11.46
CA GLU A 86 -3.50 -6.24 11.72
C GLU A 86 -3.85 -6.95 10.41
N LEU A 87 -4.38 -6.22 9.46
CA LEU A 87 -5.06 -6.81 8.30
C LEU A 87 -4.13 -6.76 7.11
N ASN A 88 -3.82 -7.93 6.56
CA ASN A 88 -2.79 -8.05 5.50
C ASN A 88 -3.39 -8.39 4.16
N PHE A 89 -2.90 -7.73 3.13
CA PHE A 89 -3.26 -8.02 1.72
C PHE A 89 -1.97 -8.19 0.96
N ALA A 90 -1.86 -9.30 0.24
CA ALA A 90 -0.76 -9.55 -0.71
C ALA A 90 -1.38 -9.57 -2.08
N LEU A 91 -0.97 -8.68 -2.94
CA LEU A 91 -1.67 -8.33 -4.19
C LEU A 91 -0.76 -8.66 -5.37
N VAL A 92 -1.32 -9.29 -6.38
CA VAL A 92 -0.57 -9.68 -7.59
C VAL A 92 -1.38 -9.30 -8.80
N GLY A 93 -0.71 -8.66 -9.74
CA GLY A 93 -1.18 -8.49 -11.11
C GLY A 93 -0.28 -9.24 -12.06
N SER A 94 -0.78 -9.49 -13.26
CA SER A 94 -0.02 -10.30 -14.25
C SER A 94 -0.38 -9.82 -15.62
N GLU A 95 0.60 -9.87 -16.51
CA GLU A 95 0.44 -9.41 -17.91
C GLU A 95 0.82 -10.56 -18.86
N ASP A 96 -0.11 -10.95 -19.70
CA ASP A 96 0.11 -12.06 -20.65
C ASP A 96 0.37 -11.56 -22.07
N GLY A 97 0.31 -10.27 -22.33
CA GLY A 97 0.36 -9.72 -23.68
C GLY A 97 1.07 -8.37 -23.71
N THR A 98 0.50 -7.47 -24.46
CA THR A 98 1.25 -6.26 -24.88
C THR A 98 0.64 -4.99 -24.32
N ASP A 99 -0.57 -5.00 -23.74
CA ASP A 99 -1.25 -3.76 -23.35
C ASP A 99 -0.84 -3.28 -21.94
N ASN A 100 -0.12 -4.07 -21.18
CA ASN A 100 0.36 -3.68 -19.84
C ASN A 100 -0.78 -3.20 -18.95
N ASP A 101 -1.95 -3.85 -19.02
CA ASP A 101 -2.99 -3.58 -18.02
C ASP A 101 -2.70 -4.38 -16.73
N TYR A 102 -1.91 -5.44 -16.79
CA TYR A 102 -1.50 -6.23 -15.60
C TYR A 102 -2.71 -6.72 -14.81
N ASN A 103 -3.87 -6.93 -15.46
CA ASN A 103 -5.08 -7.45 -14.78
C ASN A 103 -5.44 -8.83 -15.34
N ASP A 104 -4.57 -9.43 -16.14
CA ASP A 104 -4.99 -10.60 -16.94
C ASP A 104 -5.34 -11.74 -16.00
N ALA A 105 -4.53 -11.99 -14.99
CA ALA A 105 -4.93 -12.65 -13.75
C ALA A 105 -4.60 -11.69 -12.62
N VAL A 106 -5.55 -11.48 -11.74
CA VAL A 106 -5.33 -10.70 -10.50
C VAL A 106 -5.48 -11.66 -9.35
N VAL A 107 -4.58 -11.68 -8.42
CA VAL A 107 -4.57 -12.58 -7.27
C VAL A 107 -4.52 -11.77 -5.99
N VAL A 108 -5.45 -12.05 -5.09
CA VAL A 108 -5.49 -11.35 -3.78
C VAL A 108 -5.33 -12.40 -2.72
N ILE A 109 -4.35 -12.22 -1.87
CA ILE A 109 -4.11 -13.04 -0.67
C ILE A 109 -4.48 -12.21 0.55
N ASN A 110 -5.22 -12.77 1.48
CA ASN A 110 -5.60 -12.00 2.67
C ASN A 110 -5.41 -12.86 3.91
N TRP A 111 -4.96 -12.21 4.97
CA TRP A 111 -4.89 -12.88 6.28
C TRP A 111 -4.91 -11.79 7.33
N PRO A 112 -5.16 -12.13 8.61
CA PRO A 112 -5.58 -13.46 9.05
C PRO A 112 -7.06 -13.70 8.78
N LEU A 113 -7.42 -14.95 8.94
CA LEU A 113 -8.81 -15.39 8.81
C LEU A 113 -9.46 -15.59 10.18
N GLY A 114 -10.74 -15.94 10.18
CA GLY A 114 -11.49 -16.36 11.38
C GLY A 114 -12.12 -15.22 12.16
N ALA B 1 -10.25 9.51 10.70
CA ALA B 1 -10.34 9.87 9.26
C ALA B 1 -11.42 9.01 8.61
N THR B 2 -12.04 9.55 7.59
CA THR B 2 -13.03 8.78 6.80
C THR B 2 -12.33 7.58 6.18
N GLN B 3 -13.03 6.44 6.17
CA GLN B 3 -12.53 5.22 5.56
C GLN B 3 -13.61 4.57 4.69
N GLY B 4 -13.19 3.79 3.71
CA GLY B 4 -14.12 3.02 2.86
C GLY B 4 -14.69 3.83 1.72
N VAL B 5 -14.18 5.04 1.48
CA VAL B 5 -14.59 5.91 0.36
C VAL B 5 -13.44 6.02 -0.61
N PHE B 6 -13.69 5.80 -1.90
CA PHE B 6 -12.66 5.83 -2.93
C PHE B 6 -13.16 6.61 -4.14
N THR B 7 -12.27 7.42 -4.71
CA THR B 7 -12.56 8.11 -5.99
C THR B 7 -11.95 7.28 -7.11
N LEU B 8 -12.81 6.66 -7.93
CA LEU B 8 -12.37 5.95 -9.12
C LEU B 8 -12.45 6.91 -10.30
N PRO B 9 -11.79 6.56 -11.41
CA PRO B 9 -12.04 7.28 -12.64
C PRO B 9 -13.53 7.11 -12.97
N ALA B 10 -14.13 8.15 -13.54
CA ALA B 10 -15.57 8.15 -13.88
C ALA B 10 -15.86 7.08 -14.94
N ASN B 11 -17.05 6.52 -14.87
CA ASN B 11 -17.62 5.64 -15.92
C ASN B 11 -16.69 4.48 -16.20
N THR B 12 -16.15 3.88 -15.13
CA THR B 12 -15.15 2.82 -15.20
C THR B 12 -15.70 1.56 -14.55
N ARG B 13 -15.62 0.44 -15.25
CA ARG B 13 -15.99 -0.85 -14.62
C ARG B 13 -14.99 -1.18 -13.53
N PHE B 14 -15.48 -1.71 -12.42
CA PHE B 14 -14.59 -2.26 -11.38
C PHE B 14 -15.20 -3.51 -10.78
N GLY B 15 -14.35 -4.35 -10.20
CA GLY B 15 -14.79 -5.50 -9.43
C GLY B 15 -14.88 -5.17 -7.96
N VAL B 16 -15.87 -5.70 -7.29
CA VAL B 16 -15.95 -5.65 -5.83
C VAL B 16 -16.18 -7.06 -5.30
N THR B 17 -15.45 -7.45 -4.27
CA THR B 17 -15.47 -8.83 -3.75
C THR B 17 -15.42 -8.72 -2.24
N ALA B 18 -16.29 -9.43 -1.55
CA ALA B 18 -16.35 -9.41 -0.09
C ALA B 18 -16.12 -10.79 0.48
N PHE B 19 -15.43 -10.84 1.60
CA PHE B 19 -15.08 -12.03 2.35
C PHE B 19 -15.60 -11.86 3.78
N ALA B 20 -15.97 -12.96 4.43
CA ALA B 20 -16.42 -12.92 5.84
C ALA B 20 -15.55 -13.80 6.72
N ASN B 21 -15.31 -13.27 7.93
CA ASN B 21 -14.51 -13.94 8.96
C ASN B 21 -15.01 -13.58 10.35
N SER B 22 -16.16 -14.06 10.76
CA SER B 22 -16.83 -13.64 11.99
C SER B 22 -17.98 -14.60 12.30
N SER B 23 -18.34 -14.73 13.56
N SER B 23 -18.34 -14.72 13.57
CA SER B 23 -19.60 -15.44 13.94
CA SER B 23 -19.60 -15.42 13.95
C SER B 23 -20.80 -14.57 13.58
C SER B 23 -20.81 -14.56 13.58
N GLY B 24 -20.65 -13.27 13.40
CA GLY B 24 -21.74 -12.36 13.06
C GLY B 24 -22.02 -12.38 11.56
N THR B 25 -23.31 -12.31 11.22
CA THR B 25 -23.68 -12.16 9.81
C THR B 25 -23.24 -10.80 9.31
N GLN B 26 -22.45 -10.77 8.22
CA GLN B 26 -21.99 -9.51 7.62
C GLN B 26 -23.00 -9.05 6.60
N THR B 27 -23.23 -7.77 6.54
CA THR B 27 -23.94 -7.08 5.46
C THR B 27 -22.94 -6.12 4.81
N VAL B 28 -22.65 -6.32 3.55
CA VAL B 28 -21.77 -5.42 2.78
C VAL B 28 -22.65 -4.69 1.77
N ASN B 29 -22.69 -3.37 1.85
CA ASN B 29 -23.37 -2.58 0.84
C ASN B 29 -22.31 -1.78 0.08
N VAL B 30 -22.39 -1.77 -1.25
CA VAL B 30 -21.45 -1.03 -2.11
C VAL B 30 -22.22 0.07 -2.78
N LEU B 31 -21.89 1.31 -2.49
CA LEU B 31 -22.65 2.46 -3.00
C LEU B 31 -21.86 3.09 -4.13
N VAL B 32 -22.56 3.43 -5.20
CA VAL B 32 -21.98 4.19 -6.31
C VAL B 32 -22.82 5.46 -6.39
N ASN B 33 -22.14 6.61 -6.28
CA ASN B 33 -22.82 7.92 -6.29
C ASN B 33 -23.92 7.90 -5.23
N ASN B 34 -23.59 7.37 -4.04
CA ASN B 34 -24.41 7.43 -2.82
C ASN B 34 -25.69 6.57 -2.96
N GLU B 35 -25.76 5.65 -3.93
CA GLU B 35 -26.90 4.71 -4.01
C GLU B 35 -26.36 3.28 -4.02
N THR B 36 -27.03 2.39 -3.28
CA THR B 36 -26.54 1.01 -3.17
C THR B 36 -26.59 0.35 -4.54
N ALA B 37 -25.49 -0.21 -4.99
CA ALA B 37 -25.38 -0.89 -6.29
C ALA B 37 -25.14 -2.37 -6.15
N ALA B 38 -24.67 -2.86 -4.99
CA ALA B 38 -24.49 -4.30 -4.75
C ALA B 38 -24.60 -4.52 -3.26
N THR B 39 -25.15 -5.65 -2.88
CA THR B 39 -25.28 -5.99 -1.47
C THR B 39 -25.03 -7.47 -1.28
N PHE B 40 -24.22 -7.81 -0.30
CA PHE B 40 -23.81 -9.19 -0.02
C PHE B 40 -24.03 -9.44 1.47
N SER B 41 -24.54 -10.60 1.83
CA SER B 41 -24.68 -10.97 3.24
C SER B 41 -24.20 -12.38 3.45
N GLY B 42 -23.72 -12.67 4.64
CA GLY B 42 -23.36 -14.04 4.94
C GLY B 42 -22.59 -14.17 6.21
N GLN B 43 -22.43 -15.39 6.63
CA GLN B 43 -21.70 -15.71 7.84
C GLN B 43 -20.67 -16.76 7.52
N SER B 44 -19.42 -16.43 7.76
CA SER B 44 -18.31 -17.40 7.61
C SER B 44 -17.22 -17.08 8.61
N THR B 45 -16.57 -18.11 9.13
CA THR B 45 -15.28 -17.90 9.85
C THR B 45 -14.15 -18.44 9.00
N ASN B 46 -14.35 -18.67 7.71
CA ASN B 46 -13.32 -19.31 6.85
C ASN B 46 -13.21 -18.55 5.53
N ASN B 47 -13.42 -17.25 5.54
CA ASN B 47 -13.11 -16.38 4.38
C ASN B 47 -13.96 -16.69 3.17
N ALA B 48 -15.20 -17.12 3.38
CA ALA B 48 -16.10 -17.30 2.25
C ALA B 48 -16.16 -16.02 1.44
N VAL B 49 -16.30 -16.16 0.12
CA VAL B 49 -16.59 -15.04 -0.77
C VAL B 49 -18.09 -14.84 -0.73
N ILE B 50 -18.55 -13.94 0.10
CA ILE B 50 -19.99 -13.72 0.29
C ILE B 50 -20.58 -12.91 -0.87
N GLY B 51 -19.74 -12.38 -1.75
CA GLY B 51 -20.23 -11.80 -3.00
C GLY B 51 -19.12 -11.31 -3.87
N THR B 52 -19.32 -11.28 -5.18
CA THR B 52 -18.35 -10.67 -6.11
C THR B 52 -19.17 -10.19 -7.30
N GLN B 53 -18.99 -8.96 -7.69
CA GLN B 53 -19.77 -8.37 -8.79
C GLN B 53 -18.97 -7.33 -9.52
N VAL B 54 -19.34 -7.04 -10.76
CA VAL B 54 -18.81 -5.97 -11.60
C VAL B 54 -19.77 -4.81 -11.56
N LEU B 55 -19.26 -3.63 -11.24
CA LEU B 55 -20.07 -2.41 -11.17
C LEU B 55 -19.40 -1.33 -12.02
N ASN B 56 -20.12 -0.25 -12.22
CA ASN B 56 -19.60 0.91 -12.96
C ASN B 56 -19.54 2.10 -12.01
N SER B 57 -18.39 2.79 -11.99
CA SER B 57 -18.16 3.91 -11.08
C SER B 57 -19.07 5.11 -11.40
N GLY B 58 -19.67 5.13 -12.58
CA GLY B 58 -20.62 6.18 -12.98
C GLY B 58 -20.02 7.56 -13.07
N SER B 59 -20.86 8.59 -13.17
CA SER B 59 -20.39 9.94 -13.55
C SER B 59 -19.46 10.53 -12.47
N SER B 60 -19.68 10.20 -11.19
CA SER B 60 -18.97 10.81 -10.03
C SER B 60 -17.67 10.06 -9.75
N GLY B 61 -17.61 8.78 -10.08
CA GLY B 61 -16.50 7.93 -9.67
C GLY B 61 -16.49 7.66 -8.18
N LYS B 62 -17.49 8.07 -7.44
CA LYS B 62 -17.43 7.89 -5.97
C LYS B 62 -17.95 6.52 -5.61
N VAL B 63 -17.11 5.74 -4.94
CA VAL B 63 -17.47 4.37 -4.49
C VAL B 63 -17.33 4.31 -2.98
N GLN B 64 -18.35 3.87 -2.31
CA GLN B 64 -18.30 3.77 -0.83
C GLN B 64 -18.65 2.35 -0.43
N VAL B 65 -17.88 1.80 0.49
CA VAL B 65 -18.20 0.48 1.09
C VAL B 65 -18.72 0.69 2.50
N GLN B 66 -19.84 0.11 2.80
CA GLN B 66 -20.42 0.13 4.14
C GLN B 66 -20.55 -1.30 4.62
N VAL B 67 -20.19 -1.57 5.85
CA VAL B 67 -20.32 -2.89 6.45
C VAL B 67 -21.10 -2.76 7.74
N SER B 68 -22.12 -3.58 7.90
CA SER B 68 -22.90 -3.58 9.15
C SER B 68 -23.23 -5.01 9.53
N VAL B 69 -23.50 -5.20 10.81
CA VAL B 69 -23.94 -6.50 11.35
C VAL B 69 -25.26 -6.24 12.07
N ASN B 70 -26.34 -6.79 11.52
CA ASN B 70 -27.70 -6.59 12.09
C ASN B 70 -27.97 -5.11 12.28
N GLY B 71 -27.58 -4.28 11.32
CA GLY B 71 -27.87 -2.84 11.33
C GLY B 71 -26.85 -2.03 12.10
N ARG B 72 -25.84 -2.64 12.74
CA ARG B 72 -24.83 -1.86 13.48
C ARG B 72 -23.62 -1.68 12.58
N PRO B 73 -23.23 -0.44 12.24
CA PRO B 73 -22.06 -0.20 11.39
C PRO B 73 -20.80 -0.75 12.05
N SER B 74 -20.01 -1.44 11.26
CA SER B 74 -18.68 -1.89 11.69
C SER B 74 -17.70 -0.73 11.48
N ASP B 75 -16.64 -0.73 12.25
CA ASP B 75 -15.57 0.25 12.06
C ASP B 75 -14.70 -0.18 10.88
N LEU B 76 -14.39 0.77 10.02
CA LEU B 76 -13.69 0.48 8.77
C LEU B 76 -12.24 0.95 8.81
N VAL B 77 -11.42 0.22 8.07
N VAL B 77 -11.41 0.22 8.09
CA VAL B 77 -10.05 0.65 7.72
CA VAL B 77 -10.04 0.64 7.71
C VAL B 77 -9.88 0.45 6.23
C VAL B 77 -9.89 0.45 6.21
N SER B 78 -9.12 1.29 5.56
CA SER B 78 -9.05 1.23 4.08
C SER B 78 -7.79 1.89 3.58
N ALA B 79 -7.48 1.58 2.32
CA ALA B 79 -6.39 2.25 1.58
C ALA B 79 -6.49 1.86 0.13
N GLN B 80 -5.84 2.59 -0.75
CA GLN B 80 -5.76 2.27 -2.18
C GLN B 80 -4.31 2.06 -2.51
N VAL B 81 -4.01 1.05 -3.30
CA VAL B 81 -2.64 0.81 -3.80
C VAL B 81 -2.66 0.70 -5.30
N ILE B 82 -1.63 1.23 -5.95
CA ILE B 82 -1.51 1.26 -7.42
C ILE B 82 -0.20 0.58 -7.74
N LEU B 83 -0.23 -0.42 -8.61
CA LEU B 83 0.96 -1.17 -9.06
C LEU B 83 1.22 -0.80 -10.52
N THR B 84 2.51 -0.64 -10.83
CA THR B 84 3.06 -0.27 -12.15
C THR B 84 2.22 0.87 -12.74
N ASN B 85 1.80 1.81 -11.90
CA ASN B 85 1.10 3.04 -12.32
C ASN B 85 -0.19 2.73 -13.10
N GLU B 86 -0.74 1.52 -12.97
CA GLU B 86 -1.89 1.11 -13.85
C GLU B 86 -2.93 0.30 -13.09
N LEU B 87 -2.52 -0.54 -12.18
CA LEU B 87 -3.37 -1.61 -11.62
C LEU B 87 -3.79 -1.16 -10.21
N ASN B 88 -5.09 -1.00 -10.01
CA ASN B 88 -5.59 -0.36 -8.78
C ASN B 88 -6.33 -1.32 -7.89
N PHE B 89 -6.07 -1.24 -6.59
CA PHE B 89 -6.78 -1.98 -5.56
C PHE B 89 -7.25 -0.99 -4.52
N ALA B 90 -8.51 -1.07 -4.17
CA ALA B 90 -9.10 -0.35 -3.03
C ALA B 90 -9.46 -1.41 -2.02
N LEU B 91 -8.94 -1.26 -0.82
CA LEU B 91 -8.93 -2.33 0.19
C LEU B 91 -9.71 -1.87 1.42
N VAL B 92 -10.61 -2.68 1.94
CA VAL B 92 -11.35 -2.35 3.16
C VAL B 92 -11.28 -3.53 4.11
N GLY B 93 -11.05 -3.23 5.38
CA GLY B 93 -11.28 -4.15 6.48
C GLY B 93 -12.35 -3.60 7.42
N SER B 94 -12.92 -4.46 8.28
CA SER B 94 -13.99 -4.02 9.16
C SER B 94 -13.97 -4.83 10.43
N GLU B 95 -14.37 -4.16 11.53
CA GLU B 95 -14.39 -4.79 12.87
C GLU B 95 -15.81 -4.69 13.42
N ASP B 96 -16.39 -5.84 13.73
CA ASP B 96 -17.78 -5.89 14.24
C ASP B 96 -17.82 -6.11 15.77
N GLY B 97 -16.68 -6.20 16.42
CA GLY B 97 -16.61 -6.59 17.83
C GLY B 97 -15.45 -5.91 18.55
N THR B 98 -14.83 -6.71 19.39
CA THR B 98 -13.85 -6.18 20.35
C THR B 98 -12.45 -6.73 20.10
N ASP B 99 -12.23 -7.70 19.22
CA ASP B 99 -10.89 -8.32 19.09
C ASP B 99 -9.95 -7.56 18.14
N ASN B 100 -10.47 -6.61 17.37
CA ASN B 100 -9.64 -5.78 16.47
C ASN B 100 -8.85 -6.62 15.49
N ASP B 101 -9.43 -7.70 14.98
CA ASP B 101 -8.79 -8.39 13.84
C ASP B 101 -9.10 -7.68 12.52
N TYR B 102 -10.16 -6.90 12.44
CA TYR B 102 -10.51 -6.08 11.24
C TYR B 102 -10.66 -6.96 10.01
N ASN B 103 -11.03 -8.23 10.15
CA ASN B 103 -11.24 -9.12 8.99
C ASN B 103 -12.69 -9.56 8.91
N ASP B 104 -13.57 -8.95 9.69
CA ASP B 104 -14.90 -9.59 9.90
C ASP B 104 -15.66 -9.56 8.57
N ALA B 105 -15.61 -8.44 7.87
CA ALA B 105 -15.84 -8.36 6.43
C ALA B 105 -14.59 -7.70 5.84
N VAL B 106 -14.08 -8.28 4.76
CA VAL B 106 -12.94 -7.73 4.00
C VAL B 106 -13.43 -7.50 2.59
N VAL B 107 -13.22 -6.32 2.05
CA VAL B 107 -13.74 -5.97 0.73
C VAL B 107 -12.58 -5.52 -0.14
N VAL B 108 -12.52 -6.04 -1.36
CA VAL B 108 -11.44 -5.70 -2.32
C VAL B 108 -12.10 -5.19 -3.56
N ILE B 109 -11.73 -4.00 -3.97
CA ILE B 109 -12.19 -3.40 -5.23
C ILE B 109 -10.99 -3.39 -6.18
N ASN B 110 -11.18 -3.79 -7.45
CA ASN B 110 -10.06 -3.82 -8.40
C ASN B 110 -10.45 -3.21 -9.73
N TRP B 111 -9.55 -2.48 -10.34
CA TRP B 111 -9.78 -1.94 -11.69
C TRP B 111 -8.43 -1.64 -12.27
N PRO B 112 -8.30 -1.48 -13.61
CA PRO B 112 -9.38 -1.71 -14.55
C PRO B 112 -9.61 -3.21 -14.78
N LEU B 113 -10.74 -3.46 -15.43
CA LEU B 113 -11.14 -4.81 -15.85
C LEU B 113 -10.89 -4.99 -17.35
N GLY B 114 -11.17 -6.20 -17.83
CA GLY B 114 -11.16 -6.49 -19.29
C GLY B 114 -9.82 -6.93 -19.80
N ALA C 1 7.66 -5.50 -15.07
CA ALA C 1 6.84 -4.33 -15.31
C ALA C 1 7.65 -3.06 -15.08
N THR C 2 7.24 -1.99 -15.74
CA THR C 2 7.89 -0.68 -15.53
C THR C 2 7.71 -0.30 -14.05
N GLN C 3 8.75 0.29 -13.49
CA GLN C 3 8.73 0.75 -12.10
C GLN C 3 9.31 2.19 -12.04
N GLY C 4 8.90 2.94 -11.01
CA GLY C 4 9.46 4.28 -10.77
C GLY C 4 8.78 5.35 -11.60
N VAL C 5 7.67 5.05 -12.27
CA VAL C 5 6.89 6.01 -13.08
C VAL C 5 5.56 6.21 -12.39
N PHE C 6 5.15 7.44 -12.18
CA PHE C 6 3.89 7.78 -11.52
C PHE C 6 3.17 8.90 -12.27
N THR C 7 1.87 8.80 -12.33
CA THR C 7 0.99 9.87 -12.83
C THR C 7 0.43 10.63 -11.63
N LEU C 8 0.87 11.86 -11.46
CA LEU C 8 0.31 12.79 -10.46
C LEU C 8 -0.78 13.61 -11.12
N PRO C 9 -1.63 14.23 -10.31
CA PRO C 9 -2.53 15.25 -10.85
C PRO C 9 -1.68 16.34 -11.46
N ALA C 10 -2.16 16.94 -12.55
CA ALA C 10 -1.45 18.02 -13.23
C ALA C 10 -1.27 19.24 -12.33
N ASN C 11 -0.17 19.95 -12.53
CA ASN C 11 0.06 21.28 -11.95
C ASN C 11 -0.05 21.25 -10.44
N THR C 12 0.49 20.20 -9.84
CA THR C 12 0.37 19.94 -8.40
C THR C 12 1.76 19.93 -7.80
N ARG C 13 1.96 20.70 -6.72
CA ARG C 13 3.22 20.63 -6.00
C ARG C 13 3.34 19.26 -5.30
N PHE C 14 4.53 18.72 -5.29
CA PHE C 14 4.81 17.48 -4.55
C PHE C 14 6.19 17.56 -3.97
N GLY C 15 6.38 16.76 -2.90
CA GLY C 15 7.70 16.58 -2.31
C GLY C 15 8.37 15.36 -2.88
N VAL C 16 9.67 15.41 -3.05
CA VAL C 16 10.46 14.22 -3.42
C VAL C 16 11.65 14.19 -2.47
N THR C 17 11.92 13.05 -1.88
CA THR C 17 12.92 12.89 -0.83
C THR C 17 13.67 11.59 -1.07
N ALA C 18 14.99 11.60 -1.01
CA ALA C 18 15.83 10.44 -1.28
C ALA C 18 16.68 10.10 -0.04
N PHE C 19 16.77 8.84 0.22
CA PHE C 19 17.54 8.24 1.33
C PHE C 19 18.55 7.27 0.76
N ALA C 20 19.76 7.21 1.30
CA ALA C 20 20.80 6.28 0.83
C ALA C 20 21.15 5.25 1.91
N ASN C 21 21.30 4.00 1.44
CA ASN C 21 21.66 2.86 2.30
C ASN C 21 22.53 1.89 1.51
N SER C 22 23.77 2.28 1.21
CA SER C 22 24.65 1.45 0.36
C SER C 22 26.07 1.92 0.50
N SER C 23 27.04 1.02 0.27
CA SER C 23 28.45 1.44 0.10
C SER C 23 28.64 2.23 -1.18
N GLY C 24 27.77 2.06 -2.17
CA GLY C 24 27.86 2.76 -3.45
C GLY C 24 27.27 4.14 -3.41
N THR C 25 27.92 5.08 -4.04
CA THR C 25 27.43 6.46 -4.16
C THR C 25 26.18 6.44 -5.02
N GLN C 26 25.06 6.94 -4.50
CA GLN C 26 23.79 6.96 -5.22
C GLN C 26 23.68 8.24 -6.01
N THR C 27 23.14 8.17 -7.23
CA THR C 27 22.66 9.34 -7.95
C THR C 27 21.20 9.12 -8.30
N VAL C 28 20.33 10.00 -7.85
CA VAL C 28 18.89 9.91 -8.04
C VAL C 28 18.48 11.02 -8.97
N ASN C 29 17.87 10.66 -10.09
CA ASN C 29 17.35 11.64 -11.03
C ASN C 29 15.81 11.62 -10.93
N VAL C 30 15.22 12.78 -10.87
CA VAL C 30 13.75 12.93 -10.82
C VAL C 30 13.35 13.65 -12.09
N LEU C 31 12.60 12.99 -12.96
CA LEU C 31 12.18 13.59 -14.24
C LEU C 31 10.73 14.00 -14.14
N VAL C 32 10.40 15.20 -14.59
CA VAL C 32 9.00 15.64 -14.70
C VAL C 32 8.75 15.87 -16.20
N ASN C 33 7.76 15.20 -16.76
CA ASN C 33 7.47 15.29 -18.22
C ASN C 33 8.74 14.97 -18.99
N ASN C 34 9.47 13.94 -18.56
CA ASN C 34 10.65 13.38 -19.27
C ASN C 34 11.83 14.36 -19.28
N GLU C 35 11.84 15.39 -18.43
CA GLU C 35 13.00 16.29 -18.30
C GLU C 35 13.47 16.26 -16.84
N THR C 36 14.77 16.22 -16.64
CA THR C 36 15.33 16.23 -15.27
C THR C 36 14.84 17.48 -14.54
N ALA C 37 14.26 17.30 -13.35
CA ALA C 37 13.82 18.39 -12.49
C ALA C 37 14.62 18.45 -11.18
N ALA C 38 15.24 17.34 -10.76
CA ALA C 38 16.03 17.27 -9.53
C ALA C 38 17.03 16.15 -9.70
N THR C 39 18.21 16.38 -9.11
CA THR C 39 19.25 15.35 -9.01
C THR C 39 19.79 15.38 -7.60
N PHE C 40 19.84 14.23 -6.94
CA PHE C 40 20.39 14.13 -5.60
C PHE C 40 21.47 13.07 -5.61
N SER C 41 22.49 13.25 -4.79
CA SER C 41 23.56 12.23 -4.73
C SER C 41 24.11 12.18 -3.33
N GLY C 42 24.62 11.04 -2.94
CA GLY C 42 25.31 10.92 -1.67
C GLY C 42 25.69 9.49 -1.40
N GLN C 43 26.28 9.26 -0.23
CA GLN C 43 26.74 7.92 0.09
C GLN C 43 26.57 7.75 1.57
N SER C 44 25.67 6.86 1.95
CA SER C 44 25.39 6.58 3.36
C SER C 44 24.94 5.13 3.51
N THR C 45 25.28 4.51 4.64
CA THR C 45 24.69 3.23 5.05
C THR C 45 23.81 3.45 6.27
N ASN C 46 23.35 4.68 6.47
CA ASN C 46 22.51 5.01 7.65
C ASN C 46 21.38 5.96 7.29
N ASN C 47 20.85 5.81 6.09
CA ASN C 47 19.57 6.45 5.68
C ASN C 47 19.70 7.94 5.54
N ALA C 48 20.88 8.49 5.19
CA ALA C 48 21.00 9.92 5.02
C ALA C 48 20.00 10.43 4.00
N VAL C 49 19.46 11.60 4.27
CA VAL C 49 18.48 12.27 3.39
C VAL C 49 19.30 13.08 2.39
N ILE C 50 19.70 12.43 1.30
CA ILE C 50 20.62 13.02 0.32
C ILE C 50 19.94 14.13 -0.47
N GLY C 51 18.62 14.19 -0.47
CA GLY C 51 17.94 15.32 -1.04
C GLY C 51 16.50 15.38 -0.65
N THR C 52 15.94 16.58 -0.70
CA THR C 52 14.49 16.77 -0.55
C THR C 52 14.17 18.05 -1.27
N GLN C 53 13.11 18.05 -2.05
CA GLN C 53 12.80 19.17 -2.94
C GLN C 53 11.31 19.22 -3.12
N VAL C 54 10.79 20.41 -3.33
CA VAL C 54 9.40 20.61 -3.76
C VAL C 54 9.42 20.89 -5.26
N LEU C 55 8.65 20.10 -6.00
CA LEU C 55 8.57 20.24 -7.46
C LEU C 55 7.10 20.38 -7.85
N ASN C 56 6.88 20.76 -9.09
CA ASN C 56 5.50 20.86 -9.62
C ASN C 56 5.37 19.82 -10.73
N SER C 57 4.26 19.09 -10.68
CA SER C 57 4.03 17.99 -11.63
C SER C 57 3.81 18.49 -13.06
N GLY C 58 3.51 19.76 -13.21
CA GLY C 58 3.34 20.39 -14.54
C GLY C 58 2.16 19.85 -15.32
N SER C 59 2.14 20.17 -16.64
CA SER C 59 0.91 19.89 -17.43
C SER C 59 0.62 18.40 -17.52
N SER C 60 1.66 17.54 -17.55
CA SER C 60 1.50 16.09 -17.86
C SER C 60 1.23 15.30 -16.57
N GLY C 61 1.69 15.82 -15.43
CA GLY C 61 1.68 15.03 -14.20
C GLY C 61 2.64 13.88 -14.22
N LYS C 62 3.47 13.70 -15.26
CA LYS C 62 4.32 12.50 -15.30
C LYS C 62 5.60 12.71 -14.47
N VAL C 63 5.83 11.84 -13.48
CA VAL C 63 7.06 11.90 -12.67
C VAL C 63 7.73 10.54 -12.75
N GLN C 64 9.01 10.53 -13.02
CA GLN C 64 9.81 9.30 -13.11
C GLN C 64 11.04 9.44 -12.25
N VAL C 65 11.34 8.40 -11.50
CA VAL C 65 12.59 8.30 -10.71
C VAL C 65 13.53 7.31 -11.37
N GLN C 66 14.81 7.65 -11.47
CA GLN C 66 15.85 6.76 -11.96
C GLN C 66 17.00 6.83 -10.96
N VAL C 67 17.70 5.73 -10.78
CA VAL C 67 18.83 5.68 -9.81
C VAL C 67 20.00 5.04 -10.50
N SER C 68 21.19 5.61 -10.34
CA SER C 68 22.41 4.98 -10.87
C SER C 68 23.51 5.04 -9.80
N VAL C 69 24.45 4.13 -9.88
CA VAL C 69 25.56 4.00 -8.93
C VAL C 69 26.83 3.79 -9.74
N ASN C 70 27.81 4.68 -9.59
CA ASN C 70 29.11 4.55 -10.35
C ASN C 70 28.78 4.38 -11.83
N GLY C 71 27.76 5.07 -12.36
CA GLY C 71 27.39 5.05 -13.77
C GLY C 71 26.50 3.88 -14.18
N ARG C 72 26.08 3.02 -13.26
CA ARG C 72 25.29 1.81 -13.60
C ARG C 72 23.88 1.97 -13.07
N PRO C 73 22.86 1.78 -13.92
CA PRO C 73 21.46 1.88 -13.49
C PRO C 73 21.08 0.82 -12.47
N SER C 74 20.43 1.25 -11.39
CA SER C 74 19.92 0.33 -10.35
C SER C 74 18.57 -0.26 -10.80
N ASP C 75 18.27 -1.42 -10.33
CA ASP C 75 16.93 -2.05 -10.57
C ASP C 75 15.95 -1.40 -9.60
N LEU C 76 14.77 -1.06 -10.10
CA LEU C 76 13.76 -0.30 -9.30
C LEU C 76 12.60 -1.21 -8.90
N VAL C 77 12.01 -0.83 -7.77
CA VAL C 77 10.69 -1.36 -7.37
C VAL C 77 9.87 -0.17 -6.90
N SER C 78 8.57 -0.20 -7.08
CA SER C 78 7.74 0.98 -6.76
C SER C 78 6.30 0.59 -6.51
N ALA C 79 5.58 1.53 -5.89
CA ALA C 79 4.11 1.45 -5.80
C ALA C 79 3.58 2.81 -5.38
N GLN C 80 2.30 3.06 -5.48
CA GLN C 80 1.66 4.26 -4.93
C GLN C 80 0.63 3.80 -3.93
N VAL C 81 0.52 4.51 -2.82
N VAL C 81 0.51 4.52 -2.82
CA VAL C 81 -0.53 4.22 -1.81
CA VAL C 81 -0.50 4.24 -1.78
C VAL C 81 -1.26 5.52 -1.50
C VAL C 81 -1.26 5.52 -1.50
N ILE C 82 -2.57 5.42 -1.31
CA ILE C 82 -3.44 6.56 -0.99
C ILE C 82 -4.16 6.26 0.30
N LEU C 83 -4.06 7.17 1.26
CA LEU C 83 -4.71 7.07 2.57
C LEU C 83 -5.85 8.08 2.64
N THR C 84 -6.95 7.64 3.22
CA THR C 84 -8.21 8.39 3.40
C THR C 84 -8.60 9.09 2.09
N ASN C 85 -8.34 8.44 0.96
CA ASN C 85 -8.72 8.89 -0.38
C ASN C 85 -8.16 10.27 -0.71
N GLU C 86 -7.10 10.71 -0.03
CA GLU C 86 -6.59 12.10 -0.23
C GLU C 86 -5.07 12.18 -0.14
N LEU C 87 -4.42 11.37 0.68
CA LEU C 87 -3.01 11.60 1.00
C LEU C 87 -2.20 10.56 0.21
N ASN C 88 -1.32 11.05 -0.64
CA ASN C 88 -0.65 10.17 -1.64
C ASN C 88 0.82 10.01 -1.38
N PHE C 89 1.29 8.78 -1.49
CA PHE C 89 2.72 8.47 -1.44
C PHE C 89 3.09 7.64 -2.64
N ALA C 90 4.12 8.05 -3.36
CA ALA C 90 4.72 7.26 -4.43
C ALA C 90 6.06 6.81 -3.93
N LEU C 91 6.32 5.54 -3.93
CA LEU C 91 7.42 4.88 -3.21
C LEU C 91 8.34 4.20 -4.19
N VAL C 92 9.64 4.40 -4.04
CA VAL C 92 10.64 3.71 -4.88
C VAL C 92 11.72 3.10 -4.02
N GLY C 93 12.10 1.88 -4.35
CA GLY C 93 13.35 1.30 -3.84
C GLY C 93 14.23 0.91 -5.00
N SER C 94 15.51 0.71 -4.73
CA SER C 94 16.49 0.47 -5.80
C SER C 94 17.60 -0.45 -5.27
N GLU C 95 18.11 -1.29 -6.18
CA GLU C 95 19.13 -2.28 -5.83
C GLU C 95 20.32 -2.13 -6.74
N ASP C 96 21.48 -1.91 -6.14
CA ASP C 96 22.73 -1.65 -6.88
C ASP C 96 23.69 -2.84 -6.78
N GLY C 97 23.31 -3.93 -6.16
CA GLY C 97 24.22 -5.04 -5.90
C GLY C 97 23.57 -6.39 -5.87
N THR C 98 23.95 -7.18 -4.90
CA THR C 98 23.62 -8.62 -4.91
C THR C 98 22.65 -9.04 -3.80
N ASP C 99 22.36 -8.18 -2.82
CA ASP C 99 21.68 -8.61 -1.60
C ASP C 99 20.15 -8.45 -1.70
N ASN C 100 19.64 -7.79 -2.72
CA ASN C 100 18.17 -7.58 -2.90
C ASN C 100 17.54 -6.96 -1.67
N ASP C 101 18.21 -6.02 -1.01
CA ASP C 101 17.52 -5.24 0.07
C ASP C 101 16.69 -4.12 -0.55
N TYR C 102 16.99 -3.67 -1.77
CA TYR C 102 16.24 -2.64 -2.51
C TYR C 102 16.10 -1.36 -1.68
N ASN C 103 17.07 -1.06 -0.81
CA ASN C 103 17.03 0.19 -0.02
C ASN C 103 18.21 1.09 -0.41
N ASP C 104 18.91 0.77 -1.49
CA ASP C 104 20.24 1.37 -1.71
C ASP C 104 20.04 2.87 -1.94
N ALA C 105 19.07 3.24 -2.76
CA ALA C 105 18.42 4.56 -2.72
C ALA C 105 16.94 4.29 -2.56
N VAL C 106 16.32 5.01 -1.64
CA VAL C 106 14.87 4.94 -1.40
C VAL C 106 14.33 6.32 -1.71
N VAL C 107 13.24 6.40 -2.44
CA VAL C 107 12.67 7.69 -2.82
C VAL C 107 11.21 7.70 -2.43
N VAL C 108 10.81 8.78 -1.75
CA VAL C 108 9.40 8.96 -1.36
C VAL C 108 8.92 10.23 -2.00
N ILE C 109 7.84 10.14 -2.73
CA ILE C 109 7.11 11.29 -3.32
C ILE C 109 5.84 11.49 -2.53
N ASN C 110 5.53 12.69 -2.09
CA ASN C 110 4.29 12.91 -1.31
C ASN C 110 3.51 14.10 -1.83
N TRP C 111 2.20 13.95 -1.84
CA TRP C 111 1.34 15.09 -2.20
C TRP C 111 -0.02 14.79 -1.61
N PRO C 112 -0.88 15.79 -1.41
CA PRO C 112 -0.60 17.20 -1.66
C PRO C 112 0.27 17.80 -0.55
N LEU C 113 0.76 18.98 -0.85
CA LEU C 113 1.50 19.80 0.14
C LEU C 113 0.62 20.92 0.66
N GLY C 114 1.18 21.66 1.60
CA GLY C 114 0.56 22.91 2.11
C GLY C 114 -0.36 22.70 3.26
N ALA D 1 -10.33 2.84 13.92
CA ALA D 1 -9.25 1.89 14.18
C ALA D 1 -8.02 2.67 14.64
N THR D 2 -7.22 2.01 15.46
CA THR D 2 -5.91 2.59 15.83
C THR D 2 -5.08 2.84 14.58
N GLN D 3 -4.32 3.92 14.59
CA GLN D 3 -3.45 4.32 13.48
C GLN D 3 -2.11 4.79 14.06
N GLY D 4 -1.07 4.63 13.28
CA GLY D 4 0.28 5.13 13.65
C GLY D 4 1.00 4.12 14.52
N VAL D 5 0.53 2.88 14.60
CA VAL D 5 1.19 1.81 15.38
C VAL D 5 1.66 0.74 14.38
N PHE D 6 2.91 0.33 14.50
CA PHE D 6 3.51 -0.62 13.56
C PHE D 6 4.36 -1.64 14.30
N THR D 7 4.25 -2.90 13.85
CA THR D 7 5.13 -3.95 14.36
C THR D 7 6.30 -4.14 13.40
N LEU D 8 7.48 -3.74 13.81
CA LEU D 8 8.73 -3.96 13.04
C LEU D 8 9.35 -5.26 13.49
N PRO D 9 10.25 -5.83 12.69
CA PRO D 9 11.06 -6.94 13.17
C PRO D 9 11.85 -6.43 14.36
N ALA D 10 12.07 -7.32 15.34
CA ALA D 10 12.79 -6.96 16.56
C ALA D 10 14.22 -6.54 16.25
N ASN D 11 14.74 -5.63 17.06
CA ASN D 11 16.18 -5.30 17.11
C ASN D 11 16.67 -4.87 15.73
N THR D 12 15.86 -4.07 15.04
CA THR D 12 16.12 -3.67 13.65
C THR D 12 16.21 -2.16 13.60
N ARG D 13 17.26 -1.64 12.95
CA ARG D 13 17.37 -0.21 12.75
C ARG D 13 16.31 0.24 11.74
N PHE D 14 15.73 1.38 12.00
CA PHE D 14 14.79 1.99 11.05
C PHE D 14 15.00 3.47 11.01
N GLY D 15 14.61 4.07 9.88
CA GLY D 15 14.60 5.50 9.70
C GLY D 15 13.26 6.07 10.00
N VAL D 16 13.25 7.24 10.61
CA VAL D 16 11.99 8.00 10.77
C VAL D 16 12.26 9.42 10.36
N THR D 17 11.39 9.98 9.52
CA THR D 17 11.58 11.32 8.93
C THR D 17 10.23 11.99 8.89
N ALA D 18 10.16 13.24 9.30
CA ALA D 18 8.89 13.99 9.35
C ALA D 18 8.97 15.25 8.52
N PHE D 19 7.85 15.57 7.89
CA PHE D 19 7.62 16.73 7.04
C PHE D 19 6.45 17.51 7.62
N ALA D 20 6.41 18.85 7.44
CA ALA D 20 5.30 19.67 7.90
C ALA D 20 4.66 20.42 6.75
N ASN D 21 3.33 20.49 6.82
CA ASN D 21 2.49 21.21 5.83
C ASN D 21 1.30 21.83 6.53
N SER D 22 1.52 22.86 7.34
CA SER D 22 0.45 23.42 8.17
C SER D 22 0.89 24.76 8.73
N SER D 23 -0.04 25.65 9.06
N SER D 23 -0.06 25.61 9.08
CA SER D 23 0.30 26.86 9.83
CA SER D 23 0.22 26.84 9.85
C SER D 23 0.65 26.50 11.28
C SER D 23 0.60 26.50 11.29
N GLY D 24 0.19 25.34 11.79
CA GLY D 24 0.45 24.90 13.16
C GLY D 24 1.83 24.31 13.31
N THR D 25 2.55 24.61 14.39
CA THR D 25 3.80 23.92 14.70
C THR D 25 3.48 22.47 15.02
N GLN D 26 4.15 21.54 14.31
CA GLN D 26 3.93 20.10 14.52
C GLN D 26 4.89 19.59 15.56
N THR D 27 4.42 18.73 16.43
CA THR D 27 5.26 17.96 17.38
C THR D 27 5.03 16.49 17.09
N VAL D 28 6.07 15.82 16.64
CA VAL D 28 6.00 14.39 16.28
C VAL D 28 6.76 13.62 17.35
N ASN D 29 6.10 12.72 18.02
CA ASN D 29 6.72 11.86 19.03
C ASN D 29 6.80 10.45 18.46
N VAL D 30 7.94 9.81 18.59
CA VAL D 30 8.14 8.43 18.09
C VAL D 30 8.40 7.57 19.30
N LEU D 31 7.53 6.64 19.58
CA LEU D 31 7.68 5.75 20.75
C LEU D 31 8.14 4.39 20.31
N VAL D 32 9.10 3.82 21.00
CA VAL D 32 9.54 2.43 20.78
C VAL D 32 9.27 1.66 22.07
N ASN D 33 8.49 0.60 21.99
CA ASN D 33 8.08 -0.18 23.18
C ASN D 33 7.48 0.79 24.20
N ASN D 34 6.62 1.69 23.73
CA ASN D 34 5.80 2.60 24.55
C ASN D 34 6.65 3.64 25.28
N GLU D 35 7.89 3.87 24.88
CA GLU D 35 8.74 4.93 25.50
C GLU D 35 9.23 5.86 24.38
N THR D 36 9.18 7.15 24.63
CA THR D 36 9.65 8.15 23.63
C THR D 36 11.10 7.86 23.24
N ALA D 37 11.34 7.72 21.94
CA ALA D 37 12.69 7.45 21.39
C ALA D 37 13.17 8.58 20.50
N ALA D 38 12.29 9.44 20.01
CA ALA D 38 12.66 10.59 19.19
C ALA D 38 11.52 11.56 19.20
N THR D 39 11.82 12.83 19.05
N THR D 39 11.83 12.83 19.04
CA THR D 39 10.83 13.90 19.00
CA THR D 39 10.83 13.92 19.02
C THR D 39 11.27 14.94 17.99
C THR D 39 11.28 14.95 18.00
N PHE D 40 10.38 15.33 17.09
CA PHE D 40 10.66 16.36 16.08
C PHE D 40 9.63 17.47 16.18
N SER D 41 10.06 18.70 16.10
CA SER D 41 9.13 19.85 16.13
C SER D 41 9.52 20.84 15.06
N GLY D 42 8.56 21.40 14.37
CA GLY D 42 8.85 22.40 13.36
C GLY D 42 7.60 22.89 12.70
N GLN D 43 7.72 23.87 11.85
CA GLN D 43 6.58 24.48 11.19
C GLN D 43 6.98 24.79 9.78
N SER D 44 6.14 24.35 8.85
CA SER D 44 6.32 24.64 7.41
C SER D 44 4.97 24.51 6.73
N THR D 45 4.73 25.29 5.67
CA THR D 45 3.64 25.02 4.72
C THR D 45 4.20 24.50 3.41
N ASN D 46 5.49 24.12 3.38
CA ASN D 46 6.12 23.72 2.12
C ASN D 46 6.89 22.40 2.28
N ASN D 47 6.39 21.52 3.15
CA ASN D 47 6.90 20.12 3.21
C ASN D 47 8.33 20.08 3.75
N ALA D 48 8.72 21.04 4.58
CA ALA D 48 10.10 20.99 5.07
C ALA D 48 10.29 19.77 5.95
N VAL D 49 11.48 19.19 5.88
CA VAL D 49 11.88 18.14 6.82
C VAL D 49 12.05 18.80 8.18
N ILE D 50 11.29 18.37 9.15
CA ILE D 50 11.37 18.89 10.53
C ILE D 50 12.18 17.97 11.41
N GLY D 51 12.56 16.80 10.92
CA GLY D 51 13.42 15.90 11.66
C GLY D 51 13.68 14.66 10.90
N THR D 52 14.81 14.00 11.15
CA THR D 52 15.09 12.66 10.65
C THR D 52 16.05 12.01 11.63
N GLN D 53 15.93 10.74 11.85
CA GLN D 53 16.75 10.03 12.85
C GLN D 53 16.74 8.57 12.52
N VAL D 54 17.72 7.85 13.04
CA VAL D 54 17.78 6.37 12.92
C VAL D 54 17.58 5.80 14.30
N LEU D 55 16.64 4.90 14.44
CA LEU D 55 16.28 4.28 15.74
C LEU D 55 16.37 2.77 15.63
N ASN D 56 16.31 2.09 16.76
CA ASN D 56 16.28 0.62 16.82
C ASN D 56 14.93 0.17 17.37
N SER D 57 14.30 -0.77 16.72
CA SER D 57 12.95 -1.25 17.08
C SER D 57 12.97 -1.98 18.44
N GLY D 58 14.15 -2.39 18.90
CA GLY D 58 14.30 -3.11 20.19
C GLY D 58 13.54 -4.43 20.27
N SER D 59 13.46 -5.01 21.47
CA SER D 59 12.98 -6.38 21.64
C SER D 59 11.54 -6.58 21.18
N SER D 60 10.68 -5.56 21.30
CA SER D 60 9.23 -5.69 21.02
C SER D 60 8.93 -5.44 19.55
N GLY D 61 9.76 -4.66 18.89
CA GLY D 61 9.44 -4.15 17.54
C GLY D 61 8.30 -3.18 17.52
N LYS D 62 7.74 -2.76 18.64
CA LYS D 62 6.58 -1.87 18.60
C LYS D 62 7.02 -0.43 18.40
N VAL D 63 6.54 0.20 17.31
CA VAL D 63 6.81 1.62 17.04
C VAL D 63 5.48 2.33 16.92
N GLN D 64 5.37 3.46 17.57
CA GLN D 64 4.12 4.26 17.52
C GLN D 64 4.49 5.69 17.22
N VAL D 65 3.76 6.32 16.31
CA VAL D 65 3.91 7.73 15.96
C VAL D 65 2.73 8.48 16.53
N GLN D 66 2.98 9.56 17.24
CA GLN D 66 1.95 10.47 17.73
C GLN D 66 2.27 11.87 17.22
N VAL D 67 1.27 12.64 16.86
CA VAL D 67 1.44 14.01 16.38
C VAL D 67 0.51 14.90 17.16
N SER D 68 1.03 16.02 17.64
N SER D 68 1.04 16.03 17.61
CA SER D 68 0.19 17.04 18.31
CA SER D 68 0.25 17.05 18.34
C SER D 68 0.60 18.42 17.82
C SER D 68 0.62 18.43 17.82
N VAL D 69 -0.32 19.36 17.98
CA VAL D 69 -0.10 20.77 17.65
C VAL D 69 -0.55 21.58 18.88
N ASN D 70 0.37 22.32 19.45
CA ASN D 70 0.09 23.15 20.64
C ASN D 70 -0.57 22.28 21.72
N GLY D 71 -0.12 21.04 21.87
CA GLY D 71 -0.54 20.08 22.88
C GLY D 71 -1.82 19.35 22.53
N ARG D 72 -2.41 19.59 21.37
CA ARG D 72 -3.68 18.93 21.00
C ARG D 72 -3.35 17.82 20.00
N PRO D 73 -3.71 16.55 20.30
CA PRO D 73 -3.44 15.44 19.39
C PRO D 73 -4.14 15.62 18.04
N SER D 74 -3.39 15.35 16.97
CA SER D 74 -3.90 15.32 15.61
C SER D 74 -4.52 13.94 15.35
N ASP D 75 -5.49 13.91 14.45
CA ASP D 75 -6.04 12.62 13.99
C ASP D 75 -5.07 12.02 12.97
N LEU D 76 -4.82 10.73 13.06
CA LEU D 76 -3.82 10.02 12.22
C LEU D 76 -4.47 9.09 11.20
N VAL D 77 -3.76 8.92 10.12
CA VAL D 77 -4.01 7.88 9.11
C VAL D 77 -2.67 7.18 8.86
N SER D 78 -2.71 5.91 8.57
CA SER D 78 -1.45 5.16 8.41
C SER D 78 -1.69 3.89 7.61
N ALA D 79 -0.59 3.35 7.12
CA ALA D 79 -0.54 2.01 6.53
C ALA D 79 0.92 1.59 6.44
N GLN D 80 1.12 0.32 6.19
CA GLN D 80 2.44 -0.25 5.91
C GLN D 80 2.39 -0.84 4.51
N VAL D 81 3.42 -0.61 3.74
CA VAL D 81 3.57 -1.16 2.39
C VAL D 81 4.91 -1.88 2.32
N ILE D 82 4.93 -3.05 1.68
CA ILE D 82 6.14 -3.87 1.49
C ILE D 82 6.31 -4.09 0.01
N LEU D 83 7.46 -3.72 -0.50
CA LEU D 83 7.83 -3.91 -1.92
C LEU D 83 8.84 -5.06 -2.02
N THR D 84 8.68 -5.87 -3.07
CA THR D 84 9.51 -7.06 -3.38
C THR D 84 9.78 -7.87 -2.11
N ASN D 85 8.79 -7.93 -1.20
CA ASN D 85 8.87 -8.73 0.05
C ASN D 85 10.08 -8.37 0.91
N GLU D 86 10.64 -7.19 0.76
CA GLU D 86 11.90 -6.81 1.44
C GLU D 86 11.86 -5.38 1.97
N LEU D 87 11.34 -4.44 1.18
CA LEU D 87 11.48 -3.02 1.47
C LEU D 87 10.22 -2.53 2.13
N ASN D 88 10.34 -1.98 3.34
CA ASN D 88 9.16 -1.63 4.15
C ASN D 88 9.01 -0.14 4.34
N PHE D 89 7.80 0.34 4.19
CA PHE D 89 7.42 1.72 4.50
C PHE D 89 6.26 1.71 5.46
N ALA D 90 6.40 2.40 6.57
CA ALA D 90 5.29 2.67 7.50
C ALA D 90 5.00 4.16 7.39
N LEU D 91 3.79 4.49 6.99
CA LEU D 91 3.44 5.82 6.52
C LEU D 91 2.37 6.40 7.45
N VAL D 92 2.56 7.64 7.86
CA VAL D 92 1.58 8.33 8.71
C VAL D 92 1.27 9.69 8.11
N GLY D 93 -0.01 10.01 8.06
CA GLY D 93 -0.45 11.38 7.86
C GLY D 93 -1.26 11.84 9.07
N SER D 94 -1.39 13.14 9.24
CA SER D 94 -2.04 13.70 10.42
C SER D 94 -2.80 14.96 10.05
N GLU D 95 -3.91 15.15 10.76
CA GLU D 95 -4.81 16.31 10.50
C GLU D 95 -4.95 17.10 11.79
N ASP D 96 -4.60 18.37 11.72
CA ASP D 96 -4.67 19.28 12.90
C ASP D 96 -5.84 20.26 12.80
N GLY D 97 -6.66 20.16 11.78
CA GLY D 97 -7.68 21.19 11.49
C GLY D 97 -8.91 20.58 10.85
N THR D 98 -9.45 21.32 9.89
CA THR D 98 -10.77 21.01 9.34
C THR D 98 -10.72 20.65 7.86
N ASP D 99 -9.59 20.77 7.16
CA ASP D 99 -9.59 20.59 5.68
C ASP D 99 -9.38 19.13 5.28
N ASN D 100 -9.02 18.26 6.21
CA ASN D 100 -8.82 16.81 5.94
C ASN D 100 -7.81 16.60 4.83
N ASP D 101 -6.74 17.37 4.78
CA ASP D 101 -5.65 17.05 3.83
C ASP D 101 -4.74 15.96 4.43
N TYR D 102 -4.72 15.81 5.75
CA TYR D 102 -3.94 14.76 6.44
C TYR D 102 -2.45 14.85 6.11
N ASN D 103 -1.93 16.01 5.78
CA ASN D 103 -0.48 16.18 5.46
C ASN D 103 0.16 17.12 6.48
N ASP D 104 -0.52 17.41 7.57
CA ASP D 104 -0.08 18.57 8.41
C ASP D 104 1.25 18.20 9.04
N ALA D 105 1.40 16.97 9.53
CA ALA D 105 2.69 16.28 9.66
C ALA D 105 2.59 14.98 8.88
N VAL D 106 3.60 14.74 8.08
CA VAL D 106 3.73 13.45 7.36
C VAL D 106 4.95 12.77 7.92
N VAL D 107 4.82 11.51 8.27
CA VAL D 107 5.93 10.75 8.88
C VAL D 107 6.17 9.49 8.05
N VAL D 108 7.41 9.29 7.66
CA VAL D 108 7.83 8.12 6.86
C VAL D 108 8.77 7.32 7.75
N ILE D 109 8.45 6.08 7.97
CA ILE D 109 9.36 5.13 8.63
C ILE D 109 9.79 4.13 7.57
N ASN D 110 11.08 3.85 7.46
CA ASN D 110 11.57 2.93 6.43
C ASN D 110 12.55 1.96 7.03
N TRP D 111 12.47 0.72 6.58
CA TRP D 111 13.46 -0.31 6.98
C TRP D 111 13.44 -1.38 5.91
N PRO D 112 14.49 -2.22 5.79
CA PRO D 112 15.71 -2.12 6.57
C PRO D 112 16.58 -0.96 6.09
N LEU D 113 17.56 -0.67 6.90
CA LEU D 113 18.63 0.29 6.57
C LEU D 113 19.90 -0.47 6.26
N GLY D 114 20.92 0.28 5.84
CA GLY D 114 22.25 -0.29 5.63
C GLY D 114 22.47 -0.80 4.24
#